data_3VOC
#
_entry.id   3VOC
#
_cell.length_a   61.028
_cell.length_b   68.519
_cell.length_c   93.904
_cell.angle_alpha   90.00
_cell.angle_beta   90.00
_cell.angle_gamma   90.00
#
_symmetry.space_group_name_H-M   'P 21 21 21'
#
loop_
_entity.id
_entity.type
_entity.pdbx_description
1 polymer Beta/alpha-amylase
2 non-polymer 'CALCIUM ION'
3 non-polymer 'CHLORIDE ION'
4 non-polymer 1,2-ETHANEDIOL
5 non-polymer GLYCEROL
6 non-polymer 2-AMINO-2-HYDROXYMETHYL-PROPANE-1,3-DIOL
7 non-polymer DI(HYDROXYETHYL)ETHER
8 water water
#
_entity_poly.entity_id   1
_entity_poly.type   'polypeptide(L)'
_entity_poly.pdbx_seq_one_letter_code
;AVADDFQASVMGPLAKINDWGSFKKQLQTLKNNGVYAITTDVWWGYVESAGDNQFDWSYYKTYANAVKEAGLKWVPIIST
HKCGGNVGDDCNIPLPSWLSSKGSADEMQFKDESGYANSEALSPLWSGTGKQYDELYASFAENFAGYKSIIPKIYLSGGP
SGELRYPSYYPAAGWSYPGRGKFQAYTETAKNAFRTAMNDKYGSLDKINAAWGTKLTSLSQINPPTDGDGFYTNGGYNSA
YGKDFLSWYQSVLEKHLGVIGAAAHKNFDSVFGVRIGAKISGLHWQMNNPAMPHGTEQAGGYYDYNRLIQKFKDADLDLT
FTCLEMSDSGTAPNYSLPSTLVDTVSSIANAKGVRLNGENALPTGGSGFQKIEEKITKFGYHGFTLLRINNLVNNDGSPT
GELSGFKQYIISKAKPDNN
;
_entity_poly.pdbx_strand_id   A
#
# COMPACT_ATOMS: atom_id res chain seq x y z
N ALA A 1 25.41 2.29 -3.81
CA ALA A 1 25.13 3.72 -3.45
C ALA A 1 23.66 4.04 -3.72
N VAL A 2 23.11 5.03 -3.00
CA VAL A 2 21.78 5.54 -3.32
C VAL A 2 21.78 6.14 -4.74
N ALA A 3 20.61 6.28 -5.32
CA ALA A 3 20.50 6.88 -6.65
C ALA A 3 20.96 8.34 -6.66
N ASP A 4 21.35 8.81 -7.84
CA ASP A 4 21.83 10.20 -8.03
C ASP A 4 20.83 11.26 -7.58
N ASP A 5 19.55 10.91 -7.60
CA ASP A 5 18.50 11.84 -7.23
C ASP A 5 17.91 11.55 -5.83
N PHE A 6 18.61 10.75 -5.03
CA PHE A 6 18.09 10.36 -3.72
C PHE A 6 17.74 11.55 -2.85
N GLN A 7 16.57 11.52 -2.22
CA GLN A 7 16.26 12.49 -1.17
C GLN A 7 15.58 11.80 0.01
N ALA A 8 15.71 12.39 1.20
CA ALA A 8 15.08 11.88 2.41
C ALA A 8 13.83 12.69 2.73
N SER A 9 12.71 12.00 2.89
CA SER A 9 11.45 12.62 3.27
C SER A 9 10.97 12.08 4.60
N VAL A 10 9.95 12.72 5.16
CA VAL A 10 9.40 12.31 6.44
C VAL A 10 7.87 12.37 6.33
N MET A 11 7.22 11.32 6.85
CA MET A 11 5.78 11.22 6.88
CA MET A 11 5.77 11.26 6.84
C MET A 11 5.23 12.18 7.93
N GLY A 12 4.20 12.94 7.57
CA GLY A 12 3.55 13.84 8.50
C GLY A 12 2.75 13.08 9.56
N PRO A 13 2.15 13.82 10.50
CA PRO A 13 1.47 13.17 11.61
C PRO A 13 0.19 12.47 11.17
N LEU A 14 -0.26 11.50 11.96
CA LEU A 14 -1.48 10.77 11.64
C LEU A 14 -2.72 11.62 11.94
N ALA A 15 -2.80 12.13 13.17
CA ALA A 15 -3.89 12.99 13.64
C ALA A 15 -4.00 14.30 12.87
N LYS A 16 -5.22 14.73 12.59
CA LYS A 16 -5.45 16.01 11.91
C LYS A 16 -4.73 17.12 12.66
N ILE A 17 -4.10 18.03 11.94
CA ILE A 17 -3.37 19.11 12.56
C ILE A 17 -4.36 20.07 13.20
N ASN A 18 -4.27 20.23 14.51
CA ASN A 18 -5.10 21.21 15.21
C ASN A 18 -4.28 22.32 15.89
N ASP A 19 -2.96 22.21 15.84
CA ASP A 19 -2.07 23.25 16.33
C ASP A 19 -1.06 23.54 15.24
N TRP A 20 -1.35 24.55 14.42
CA TRP A 20 -0.52 24.85 13.27
C TRP A 20 0.86 25.41 13.63
N GLY A 21 0.92 26.16 14.72
CA GLY A 21 2.18 26.71 15.20
C GLY A 21 3.15 25.60 15.56
N SER A 22 2.63 24.58 16.22
CA SER A 22 3.45 23.40 16.60
C SER A 22 3.98 22.65 15.37
N PHE A 23 3.10 22.39 14.42
CA PHE A 23 3.48 21.68 13.21
C PHE A 23 4.51 22.49 12.42
N LYS A 24 4.32 23.82 12.36
CA LYS A 24 5.30 24.68 11.69
C LYS A 24 6.70 24.62 12.34
N LYS A 25 6.78 24.56 13.68
CA LYS A 25 8.05 24.37 14.39
C LYS A 25 8.72 23.05 13.99
N GLN A 26 7.91 21.99 13.91
CA GLN A 26 8.42 20.68 13.48
C GLN A 26 8.96 20.75 12.06
N LEU A 27 8.22 21.40 11.17
CA LEU A 27 8.64 21.51 9.78
C LEU A 27 9.97 22.26 9.65
N GLN A 28 10.10 23.38 10.37
CA GLN A 28 11.34 24.17 10.34
C GLN A 28 12.55 23.35 10.78
N THR A 29 12.39 22.62 11.88
CA THR A 29 13.45 21.74 12.36
C THR A 29 13.84 20.67 11.33
N LEU A 30 12.84 20.01 10.72
CA LEU A 30 13.16 19.00 9.68
C LEU A 30 13.93 19.64 8.52
N LYS A 31 13.47 20.81 8.07
CA LYS A 31 14.15 21.51 6.98
C LYS A 31 15.59 21.84 7.34
N ASN A 32 15.78 22.29 8.59
CA ASN A 32 17.12 22.66 9.08
C ASN A 32 18.09 21.46 9.10
N ASN A 33 17.53 20.24 9.12
CA ASN A 33 18.31 19.03 9.11
C ASN A 33 18.53 18.45 7.71
N GLY A 34 18.00 19.12 6.69
CA GLY A 34 18.21 18.69 5.31
C GLY A 34 17.12 17.77 4.78
N VAL A 35 16.03 17.62 5.53
CA VAL A 35 14.87 16.87 5.00
C VAL A 35 14.36 17.55 3.73
N TYR A 36 14.05 16.76 2.72
CA TYR A 36 13.63 17.23 1.40
C TYR A 36 12.13 17.51 1.31
N ALA A 37 11.33 16.52 1.71
CA ALA A 37 9.88 16.61 1.57
C ALA A 37 9.12 16.04 2.74
N ILE A 38 7.86 16.44 2.85
CA ILE A 38 6.92 15.84 3.78
C ILE A 38 5.94 15.00 2.97
N THR A 39 5.78 13.72 3.34
CA THR A 39 4.73 12.87 2.72
C THR A 39 3.46 12.88 3.60
N THR A 40 2.29 12.86 2.94
CA THR A 40 1.05 13.18 3.63
C THR A 40 -0.10 12.34 3.11
N ASP A 41 -0.74 11.58 3.99
CA ASP A 41 -2.03 10.98 3.66
C ASP A 41 -3.04 12.10 3.39
N VAL A 42 -3.52 12.15 2.14
CA VAL A 42 -4.60 13.08 1.76
C VAL A 42 -5.86 12.22 1.78
N TRP A 43 -6.53 12.23 2.93
CA TRP A 43 -7.63 11.28 3.19
C TRP A 43 -8.87 11.53 2.31
N TRP A 44 -9.30 10.52 1.56
CA TRP A 44 -10.54 10.64 0.80
C TRP A 44 -11.70 11.12 1.68
N GLY A 45 -11.77 10.57 2.90
CA GLY A 45 -12.83 10.89 3.87
C GLY A 45 -12.84 12.35 4.30
N TYR A 46 -11.69 13.02 4.17
CA TYR A 46 -11.57 14.45 4.47
C TYR A 46 -11.98 15.34 3.32
N VAL A 47 -11.78 14.88 2.09
CA VAL A 47 -11.83 15.79 0.95
C VAL A 47 -13.05 15.63 0.05
N GLU A 48 -13.77 14.53 0.18
CA GLU A 48 -15.01 14.34 -0.58
C GLU A 48 -16.08 13.75 0.34
N SER A 49 -16.22 14.33 1.54
CA SER A 49 -17.07 13.74 2.58
C SER A 49 -18.55 14.10 2.42
N ALA A 50 -18.81 15.27 1.88
CA ALA A 50 -20.18 15.82 1.91
C ALA A 50 -21.11 15.18 0.90
N GLY A 51 -20.56 14.71 -0.21
CA GLY A 51 -21.35 14.16 -1.30
C GLY A 51 -20.47 13.85 -2.49
N ASP A 52 -20.97 13.03 -3.41
CA ASP A 52 -20.22 12.66 -4.60
C ASP A 52 -19.87 13.93 -5.36
N ASN A 53 -18.56 14.15 -5.53
CA ASN A 53 -18.01 15.29 -6.24
C ASN A 53 -18.28 16.63 -5.57
N GLN A 54 -18.50 16.58 -4.26
CA GLN A 54 -18.52 17.76 -3.44
C GLN A 54 -17.24 17.75 -2.61
N PHE A 55 -16.29 18.59 -2.98
CA PHE A 55 -14.94 18.53 -2.43
C PHE A 55 -14.68 19.60 -1.40
N ASP A 56 -13.80 19.29 -0.45
CA ASP A 56 -13.30 20.27 0.49
C ASP A 56 -11.79 20.05 0.60
N TRP A 57 -11.02 20.86 -0.10
CA TRP A 57 -9.57 20.76 -0.10
C TRP A 57 -8.91 21.75 0.85
N SER A 58 -9.70 22.54 1.59
CA SER A 58 -9.15 23.70 2.33
C SER A 58 -8.10 23.31 3.38
N TYR A 59 -8.37 22.25 4.14
CA TYR A 59 -7.37 21.76 5.10
C TYR A 59 -6.03 21.38 4.44
N TYR A 60 -6.09 20.71 3.29
CA TYR A 60 -4.85 20.33 2.64
C TYR A 60 -4.13 21.47 1.93
N LYS A 61 -4.88 22.49 1.53
CA LYS A 61 -4.25 23.70 1.01
C LYS A 61 -3.49 24.39 2.16
N THR A 62 -4.12 24.45 3.34
CA THR A 62 -3.42 24.97 4.53
C THR A 62 -2.17 24.16 4.87
N TYR A 63 -2.33 22.84 4.88
CA TYR A 63 -1.22 21.93 5.13
C TYR A 63 -0.10 22.18 4.12
N ALA A 64 -0.45 22.18 2.84
CA ALA A 64 0.55 22.40 1.79
C ALA A 64 1.20 23.77 1.91
N ASN A 65 0.41 24.79 2.24
CA ASN A 65 0.95 26.14 2.50
C ASN A 65 2.01 26.15 3.60
N ALA A 66 1.75 25.46 4.71
CA ALA A 66 2.71 25.37 5.82
C ALA A 66 4.01 24.70 5.37
N VAL A 67 3.87 23.59 4.64
CA VAL A 67 5.02 22.84 4.13
C VAL A 67 5.86 23.74 3.18
N LYS A 68 5.18 24.43 2.26
CA LYS A 68 5.81 25.37 1.33
C LYS A 68 6.55 26.50 2.07
N GLU A 69 5.89 27.09 3.06
CA GLU A 69 6.44 28.20 3.83
C GLU A 69 7.71 27.80 4.58
N ALA A 70 7.79 26.54 5.02
CA ALA A 70 9.00 26.03 5.68
C ALA A 70 10.14 25.67 4.71
N GLY A 71 9.90 25.86 3.41
CA GLY A 71 10.89 25.57 2.39
C GLY A 71 11.01 24.09 2.03
N LEU A 72 10.02 23.28 2.41
CA LEU A 72 10.00 21.87 2.09
C LEU A 72 9.16 21.57 0.84
N LYS A 73 9.48 20.44 0.19
CA LYS A 73 8.60 19.86 -0.82
C LYS A 73 7.45 19.12 -0.16
N TRP A 74 6.37 18.92 -0.93
CA TRP A 74 5.18 18.20 -0.45
C TRP A 74 4.86 17.00 -1.33
N VAL A 75 4.77 15.81 -0.73
CA VAL A 75 4.44 14.60 -1.49
C VAL A 75 3.11 14.07 -1.01
N PRO A 76 2.04 14.35 -1.76
CA PRO A 76 0.71 13.90 -1.35
C PRO A 76 0.51 12.42 -1.69
N ILE A 77 -0.13 11.70 -0.77
CA ILE A 77 -0.62 10.36 -1.02
C ILE A 77 -2.13 10.54 -1.18
N ILE A 78 -2.66 10.20 -2.34
CA ILE A 78 -4.12 10.27 -2.51
C ILE A 78 -4.75 9.04 -1.82
N SER A 79 -5.15 9.24 -0.58
CA SER A 79 -5.43 8.10 0.32
C SER A 79 -6.90 7.69 0.28
N THR A 80 -7.22 6.87 -0.72
CA THR A 80 -8.55 6.30 -0.94
C THR A 80 -8.70 5.03 -0.07
N HIS A 81 -8.34 5.15 1.20
CA HIS A 81 -8.53 4.06 2.14
C HIS A 81 -8.97 4.62 3.48
N LYS A 82 -9.47 3.75 4.35
CA LYS A 82 -9.99 4.11 5.65
C LYS A 82 -8.86 4.13 6.67
N CYS A 83 -8.93 5.06 7.62
CA CYS A 83 -8.06 4.99 8.79
C CYS A 83 -8.90 4.49 9.96
N GLY A 84 -8.48 3.38 10.55
CA GLY A 84 -9.17 2.84 11.73
C GLY A 84 -10.68 2.64 11.64
N GLY A 85 -11.43 3.25 12.55
CA GLY A 85 -12.89 3.22 12.49
C GLY A 85 -13.52 2.14 13.36
N ASN A 86 -12.67 1.31 13.96
CA ASN A 86 -13.10 0.32 14.95
C ASN A 86 -12.82 0.88 16.33
N VAL A 87 -13.72 0.63 17.28
CA VAL A 87 -13.57 1.19 18.63
C VAL A 87 -12.18 0.87 19.19
N GLY A 88 -11.48 1.90 19.67
CA GLY A 88 -10.12 1.74 20.18
C GLY A 88 -9.00 2.03 19.19
N ASP A 89 -9.31 1.96 17.88
CA ASP A 89 -8.31 2.32 16.84
C ASP A 89 -7.84 3.75 17.08
N ASP A 90 -6.60 4.05 16.66
CA ASP A 90 -6.02 5.36 16.88
C ASP A 90 -6.34 6.40 15.79
N CYS A 91 -7.34 6.09 14.97
CA CYS A 91 -7.89 7.07 14.04
C CYS A 91 -9.28 6.63 13.64
N ASN A 92 -10.05 7.54 13.07
CA ASN A 92 -11.37 7.21 12.57
C ASN A 92 -11.66 8.03 11.34
N ILE A 93 -11.17 7.56 10.20
CA ILE A 93 -11.35 8.30 8.96
C ILE A 93 -11.87 7.34 7.90
N PRO A 94 -13.20 7.14 7.89
CA PRO A 94 -13.79 6.17 6.97
C PRO A 94 -13.77 6.67 5.53
N LEU A 95 -14.02 5.79 4.58
CA LEU A 95 -14.33 6.22 3.21
C LEU A 95 -15.54 7.17 3.23
N PRO A 96 -15.66 8.06 2.23
CA PRO A 96 -16.83 8.94 2.15
C PRO A 96 -18.13 8.14 2.35
N SER A 97 -18.95 8.58 3.29
CA SER A 97 -20.09 7.77 3.72
C SER A 97 -21.16 7.57 2.64
N TRP A 98 -21.28 8.52 1.69
CA TRP A 98 -22.27 8.45 0.62
C TRP A 98 -21.98 7.32 -0.38
N LEU A 99 -20.75 6.80 -0.38
CA LEU A 99 -20.39 5.70 -1.28
C LEU A 99 -21.34 4.50 -1.15
N SER A 100 -21.78 4.27 0.08
CA SER A 100 -22.68 3.16 0.42
C SER A 100 -23.99 3.21 -0.34
N SER A 101 -24.37 4.41 -0.78
CA SER A 101 -25.64 4.57 -1.48
C SER A 101 -25.44 4.53 -3.01
N LYS A 102 -24.20 4.26 -3.45
CA LYS A 102 -23.87 4.29 -4.89
C LYS A 102 -23.64 2.91 -5.55
N GLY A 103 -23.53 1.85 -4.75
CA GLY A 103 -23.31 0.51 -5.28
C GLY A 103 -23.60 -0.51 -4.22
N SER A 104 -23.66 -1.79 -4.59
CA SER A 104 -24.01 -2.82 -3.61
C SER A 104 -22.81 -3.07 -2.70
N ALA A 105 -23.07 -3.30 -1.41
CA ALA A 105 -21.99 -3.54 -0.46
C ALA A 105 -21.13 -4.71 -0.93
N ASP A 106 -21.79 -5.76 -1.41
CA ASP A 106 -21.09 -6.97 -1.89
C ASP A 106 -20.08 -6.67 -3.02
N GLU A 107 -20.43 -5.78 -3.95
CA GLU A 107 -19.54 -5.43 -5.04
C GLU A 107 -18.42 -4.49 -4.58
N MET A 108 -18.69 -3.72 -3.54
CA MET A 108 -17.76 -2.67 -3.08
CA MET A 108 -17.76 -2.66 -3.09
C MET A 108 -16.80 -3.12 -2.00
N GLN A 109 -17.12 -4.21 -1.32
CA GLN A 109 -16.32 -4.60 -0.19
C GLN A 109 -15.53 -5.88 -0.41
N PHE A 110 -14.86 -6.30 0.66
CA PHE A 110 -14.13 -7.57 0.69
C PHE A 110 -14.75 -8.43 1.76
N LYS A 111 -14.79 -9.74 1.53
CA LYS A 111 -15.25 -10.66 2.54
C LYS A 111 -14.22 -11.77 2.68
N ASP A 112 -13.92 -12.15 3.92
CA ASP A 112 -12.91 -13.15 4.17
C ASP A 112 -13.44 -14.58 4.23
N GLU A 113 -12.54 -15.53 4.50
CA GLU A 113 -12.85 -16.96 4.56
C GLU A 113 -13.97 -17.30 5.54
N SER A 114 -14.17 -16.47 6.56
CA SER A 114 -15.20 -16.70 7.59
C SER A 114 -16.44 -15.81 7.44
N GLY A 115 -16.52 -15.05 6.35
CA GLY A 115 -17.66 -14.18 6.11
C GLY A 115 -17.52 -12.76 6.67
N TYR A 116 -16.37 -12.41 7.23
CA TYR A 116 -16.18 -11.06 7.75
C TYR A 116 -16.02 -10.03 6.62
N ALA A 117 -16.85 -8.99 6.66
CA ALA A 117 -16.84 -7.96 5.61
C ALA A 117 -15.91 -6.80 5.99
N ASN A 118 -15.05 -6.41 5.07
CA ASN A 118 -14.05 -5.36 5.31
C ASN A 118 -14.26 -4.21 4.31
N SER A 119 -14.23 -2.97 4.80
CA SER A 119 -14.44 -1.81 3.94
C SER A 119 -13.28 -0.80 4.05
N GLU A 120 -12.06 -1.31 4.21
CA GLU A 120 -10.86 -0.45 4.30
C GLU A 120 -10.58 0.32 3.02
N ALA A 121 -11.00 -0.23 1.89
CA ALA A 121 -10.89 0.45 0.60
C ALA A 121 -11.93 -0.17 -0.31
N LEU A 122 -12.28 0.54 -1.39
CA LEU A 122 -13.22 -0.01 -2.37
C LEU A 122 -12.60 -1.21 -3.07
N SER A 123 -13.40 -2.23 -3.34
CA SER A 123 -12.92 -3.36 -4.11
C SER A 123 -12.61 -2.93 -5.53
N PRO A 124 -11.48 -3.42 -6.10
CA PRO A 124 -11.19 -3.22 -7.53
C PRO A 124 -12.29 -3.79 -8.41
N LEU A 125 -13.08 -4.72 -7.87
CA LEU A 125 -14.14 -5.36 -8.64
C LEU A 125 -15.36 -4.49 -8.85
N TRP A 126 -15.49 -3.41 -8.08
CA TRP A 126 -16.65 -2.52 -8.27
C TRP A 126 -16.46 -1.70 -9.53
N SER A 127 -17.48 -1.70 -10.39
CA SER A 127 -17.48 -0.92 -11.62
C SER A 127 -17.18 0.56 -11.36
N GLY A 128 -17.56 1.05 -10.19
CA GLY A 128 -17.42 2.47 -9.88
C GLY A 128 -16.11 2.94 -9.25
N THR A 129 -15.24 1.99 -8.88
CA THR A 129 -13.99 2.35 -8.20
C THR A 129 -13.10 3.23 -9.09
N GLY A 130 -12.81 2.76 -10.31
CA GLY A 130 -11.96 3.52 -11.27
C GLY A 130 -12.50 4.91 -11.54
N LYS A 131 -13.82 4.99 -11.73
CA LYS A 131 -14.48 6.26 -12.02
C LYS A 131 -14.32 7.21 -10.84
N GLN A 132 -14.62 6.73 -9.64
CA GLN A 132 -14.45 7.55 -8.43
C GLN A 132 -13.01 8.07 -8.26
N TYR A 133 -12.00 7.23 -8.48
CA TYR A 133 -10.61 7.68 -8.32
C TYR A 133 -10.25 8.70 -9.40
N ASP A 134 -10.73 8.44 -10.61
CA ASP A 134 -10.53 9.38 -11.74
C ASP A 134 -11.06 10.78 -11.38
N GLU A 135 -12.29 10.85 -10.86
CA GLU A 135 -12.86 12.14 -10.43
C GLU A 135 -12.04 12.79 -9.32
N LEU A 136 -11.57 11.99 -8.37
CA LEU A 136 -10.80 12.52 -7.23
C LEU A 136 -9.43 13.04 -7.69
N TYR A 137 -8.78 12.31 -8.60
CA TYR A 137 -7.46 12.72 -9.10
C TYR A 137 -7.62 14.01 -9.92
N ALA A 138 -8.68 14.07 -10.71
CA ALA A 138 -9.00 15.26 -11.49
C ALA A 138 -9.19 16.46 -10.59
N SER A 139 -9.97 16.27 -9.53
CA SER A 139 -10.19 17.35 -8.60
C SER A 139 -8.90 17.78 -7.92
N PHE A 140 -8.06 16.83 -7.51
CA PHE A 140 -6.78 17.18 -6.90
C PHE A 140 -5.93 18.00 -7.83
N ALA A 141 -5.83 17.54 -9.08
CA ALA A 141 -5.02 18.20 -10.08
C ALA A 141 -5.49 19.64 -10.29
N GLU A 142 -6.81 19.81 -10.39
CA GLU A 142 -7.42 21.11 -10.57
C GLU A 142 -7.17 22.05 -9.37
N ASN A 143 -7.27 21.52 -8.16
CA ASN A 143 -7.11 22.34 -6.97
C ASN A 143 -5.67 22.64 -6.57
N PHE A 144 -4.76 21.76 -6.98
CA PHE A 144 -3.37 21.87 -6.58
C PHE A 144 -2.38 22.19 -7.69
N ALA A 145 -2.90 22.45 -8.89
CA ALA A 145 -2.09 22.87 -10.04
C ALA A 145 -1.20 24.07 -9.71
N GLY A 146 -1.71 25.01 -8.92
CA GLY A 146 -0.93 26.18 -8.48
C GLY A 146 0.20 25.86 -7.49
N TYR A 147 0.26 24.62 -7.03
CA TYR A 147 1.30 24.15 -6.12
C TYR A 147 2.33 23.28 -6.85
N LYS A 148 2.33 23.34 -8.17
CA LYS A 148 3.16 22.42 -8.98
C LYS A 148 4.64 22.41 -8.57
N SER A 149 5.21 23.59 -8.34
CA SER A 149 6.64 23.68 -8.02
C SER A 149 7.06 23.01 -6.69
N ILE A 150 6.12 22.78 -5.79
CA ILE A 150 6.50 22.14 -4.52
C ILE A 150 6.22 20.62 -4.46
N ILE A 151 5.56 20.09 -5.48
CA ILE A 151 5.19 18.66 -5.51
C ILE A 151 6.13 17.91 -6.45
N PRO A 152 7.08 17.13 -5.89
CA PRO A 152 8.07 16.45 -6.73
C PRO A 152 7.67 15.04 -7.15
N LYS A 153 6.59 14.53 -6.55
CA LYS A 153 6.21 13.13 -6.68
C LYS A 153 4.83 12.99 -6.08
N ILE A 154 4.02 12.08 -6.62
CA ILE A 154 2.68 11.81 -6.07
C ILE A 154 2.51 10.32 -5.82
N TYR A 155 1.91 9.96 -4.68
CA TYR A 155 1.63 8.54 -4.38
C TYR A 155 0.14 8.23 -4.56
N LEU A 156 -0.13 7.00 -5.00
CA LEU A 156 -1.50 6.49 -5.06
C LEU A 156 -1.66 5.49 -3.94
N SER A 157 -2.91 5.29 -3.51
CA SER A 157 -3.28 4.23 -2.58
C SER A 157 -3.93 3.07 -3.36
N GLY A 158 -3.26 1.93 -3.36
CA GLY A 158 -3.75 0.74 -4.09
C GLY A 158 -4.68 -0.14 -3.29
N GLY A 159 -4.94 0.22 -2.05
CA GLY A 159 -5.83 -0.56 -1.17
C GLY A 159 -5.64 -0.24 0.30
N PRO A 160 -6.02 -1.18 1.19
CA PRO A 160 -5.97 -0.95 2.63
C PRO A 160 -4.61 -0.43 3.06
N SER A 161 -4.64 0.52 3.99
CA SER A 161 -3.41 1.16 4.52
C SER A 161 -2.49 1.74 3.45
N GLY A 162 -3.06 2.15 2.31
CA GLY A 162 -2.27 2.73 1.24
C GLY A 162 -1.40 1.74 0.46
N GLU A 163 -1.73 0.46 0.55
CA GLU A 163 -0.94 -0.59 -0.06
C GLU A 163 -1.73 -1.37 -1.09
N LEU A 164 -1.08 -1.74 -2.19
CA LEU A 164 -1.76 -2.57 -3.17
C LEU A 164 -1.81 -4.01 -2.64
N ARG A 165 -2.89 -4.31 -1.94
CA ARG A 165 -3.10 -5.65 -1.37
C ARG A 165 -4.57 -5.80 -1.01
N TYR A 166 -4.94 -7.03 -0.63
CA TYR A 166 -6.24 -7.31 -0.02
C TYR A 166 -6.18 -6.98 1.46
N PRO A 167 -7.34 -6.77 2.11
CA PRO A 167 -7.37 -6.50 3.55
C PRO A 167 -7.27 -7.81 4.36
N SER A 168 -6.16 -8.51 4.16
CA SER A 168 -6.04 -9.91 4.53
C SER A 168 -5.77 -10.12 6.02
N TYR A 169 -5.19 -9.11 6.67
CA TYR A 169 -4.94 -9.19 8.11
C TYR A 169 -5.57 -7.97 8.81
N TYR A 170 -6.47 -8.24 9.75
CA TYR A 170 -7.34 -7.20 10.27
C TYR A 170 -7.78 -7.56 11.68
N PRO A 171 -7.29 -6.80 12.69
CA PRO A 171 -7.59 -7.11 14.10
C PRO A 171 -9.09 -7.31 14.34
N ALA A 172 -9.93 -6.46 13.74
CA ALA A 172 -11.37 -6.55 13.98
C ALA A 172 -12.01 -7.80 13.41
N ALA A 173 -11.32 -8.46 12.47
CA ALA A 173 -11.74 -9.75 11.95
C ALA A 173 -11.21 -10.94 12.77
N GLY A 174 -10.53 -10.66 13.87
CA GLY A 174 -9.97 -11.71 14.74
C GLY A 174 -8.47 -11.97 14.56
N TRP A 175 -7.84 -11.21 13.67
CA TRP A 175 -6.42 -11.43 13.37
C TRP A 175 -5.55 -10.91 14.52
N SER A 176 -4.49 -11.66 14.84
CA SER A 176 -3.38 -11.12 15.64
C SER A 176 -2.07 -11.67 15.09
N TYR A 177 -1.02 -10.87 15.21
CA TYR A 177 0.29 -11.26 14.71
C TYR A 177 0.71 -12.54 15.47
N PRO A 178 1.35 -13.51 14.79
CA PRO A 178 1.77 -13.56 13.37
C PRO A 178 0.81 -14.36 12.47
N GLY A 179 -0.49 -14.20 12.67
CA GLY A 179 -1.49 -14.91 11.84
C GLY A 179 -1.27 -14.60 10.37
N ARG A 180 -1.43 -15.60 9.51
CA ARG A 180 -1.20 -15.36 8.08
C ARG A 180 -2.31 -14.48 7.51
N GLY A 181 -3.39 -14.32 8.28
CA GLY A 181 -4.57 -13.64 7.79
C GLY A 181 -5.43 -14.59 6.98
N LYS A 182 -6.27 -14.03 6.11
CA LYS A 182 -7.24 -14.84 5.36
C LYS A 182 -7.38 -14.30 3.93
N PHE A 183 -7.67 -15.21 2.99
CA PHE A 183 -8.09 -14.83 1.63
C PHE A 183 -9.35 -13.95 1.68
N GLN A 184 -9.49 -13.05 0.70
CA GLN A 184 -10.48 -11.98 0.75
C GLN A 184 -11.32 -11.95 -0.52
N ALA A 185 -11.71 -13.15 -0.98
CA ALA A 185 -12.42 -13.28 -2.24
C ALA A 185 -13.77 -13.95 -2.04
N TYR A 186 -14.43 -13.64 -0.92
CA TYR A 186 -15.66 -14.37 -0.54
C TYR A 186 -16.96 -13.64 -0.72
N THR A 187 -16.89 -12.40 -1.22
CA THR A 187 -18.12 -11.74 -1.69
C THR A 187 -18.67 -12.53 -2.87
N GLU A 188 -19.97 -12.42 -3.10
CA GLU A 188 -20.54 -13.06 -4.29
C GLU A 188 -19.89 -12.52 -5.55
N THR A 189 -19.58 -11.22 -5.54
CA THR A 189 -18.98 -10.53 -6.68
C THR A 189 -17.60 -11.12 -6.98
N ALA A 190 -16.81 -11.33 -5.94
CA ALA A 190 -15.48 -11.95 -6.09
C ALA A 190 -15.60 -13.40 -6.56
N LYS A 191 -16.51 -14.15 -5.95
CA LYS A 191 -16.70 -15.56 -6.33
C LYS A 191 -17.13 -15.65 -7.79
N ASN A 192 -18.05 -14.79 -8.20
CA ASN A 192 -18.51 -14.77 -9.58
C ASN A 192 -17.44 -14.29 -10.56
N ALA A 193 -16.61 -13.34 -10.13
CA ALA A 193 -15.52 -12.86 -10.97
C ALA A 193 -14.51 -13.98 -11.21
N PHE A 194 -14.23 -14.79 -10.18
CA PHE A 194 -13.34 -15.95 -10.35
C PHE A 194 -13.96 -17.00 -11.28
N ARG A 195 -15.25 -17.28 -11.10
CA ARG A 195 -15.94 -18.23 -12.00
C ARG A 195 -15.86 -17.74 -13.45
N THR A 196 -16.21 -16.47 -13.66
CA THR A 196 -16.18 -15.87 -14.99
C THR A 196 -14.77 -15.91 -15.58
N ALA A 197 -13.78 -15.57 -14.76
CA ALA A 197 -12.38 -15.62 -15.20
C ALA A 197 -11.99 -17.04 -15.66
N MET A 198 -12.45 -18.07 -14.95
CA MET A 198 -12.09 -19.44 -15.35
C MET A 198 -12.85 -19.91 -16.58
N ASN A 199 -14.13 -19.54 -16.67
CA ASN A 199 -14.91 -19.79 -17.88
C ASN A 199 -14.31 -19.12 -19.13
N ASP A 200 -13.91 -17.86 -18.99
CA ASP A 200 -13.20 -17.14 -20.05
C ASP A 200 -11.87 -17.78 -20.41
N LYS A 201 -11.13 -18.24 -19.40
CA LYS A 201 -9.83 -18.84 -19.68
C LYS A 201 -9.97 -20.21 -20.39
N TYR A 202 -10.77 -21.11 -19.82
CA TYR A 202 -10.82 -22.46 -20.34
C TYR A 202 -11.94 -22.71 -21.33
N GLY A 203 -13.01 -21.92 -21.22
CA GLY A 203 -14.08 -21.90 -22.21
C GLY A 203 -15.40 -22.54 -21.80
N SER A 204 -15.38 -23.42 -20.81
CA SER A 204 -16.61 -24.08 -20.36
C SER A 204 -16.34 -24.78 -19.05
N LEU A 205 -17.39 -25.17 -18.35
CA LEU A 205 -17.22 -25.91 -17.12
C LEU A 205 -16.40 -27.19 -17.34
N ASP A 206 -16.68 -27.88 -18.44
CA ASP A 206 -16.01 -29.16 -18.68
C ASP A 206 -14.52 -28.96 -18.96
N LYS A 207 -14.19 -27.87 -19.64
CA LYS A 207 -12.78 -27.54 -19.87
C LYS A 207 -12.07 -27.08 -18.60
N ILE A 208 -12.82 -26.49 -17.66
CA ILE A 208 -12.28 -26.17 -16.33
C ILE A 208 -11.96 -27.46 -15.58
N ASN A 209 -12.92 -28.38 -15.56
CA ASN A 209 -12.68 -29.72 -14.99
C ASN A 209 -11.46 -30.40 -15.62
N ALA A 210 -11.34 -30.29 -16.94
CA ALA A 210 -10.20 -30.89 -17.67
C ALA A 210 -8.86 -30.35 -17.15
N ALA A 211 -8.82 -29.04 -16.88
CA ALA A 211 -7.60 -28.39 -16.42
C ALA A 211 -7.29 -28.67 -14.96
N TRP A 212 -8.33 -28.81 -14.15
CA TRP A 212 -8.13 -28.93 -12.71
C TRP A 212 -8.21 -30.34 -12.15
N GLY A 213 -8.77 -31.28 -12.92
CA GLY A 213 -8.96 -32.66 -12.44
C GLY A 213 -10.19 -32.80 -11.57
N THR A 214 -11.07 -31.80 -11.66
CA THR A 214 -12.24 -31.74 -10.82
C THR A 214 -13.43 -32.39 -11.51
N LYS A 215 -14.54 -32.55 -10.80
CA LYS A 215 -15.75 -33.19 -11.34
C LYS A 215 -16.98 -32.31 -11.14
N LEU A 216 -16.82 -31.01 -11.25
CA LEU A 216 -17.92 -30.09 -10.99
C LEU A 216 -19.03 -30.25 -12.02
N THR A 217 -20.27 -30.02 -11.60
CA THR A 217 -21.43 -30.07 -12.51
C THR A 217 -22.02 -28.69 -12.83
N SER A 218 -21.60 -27.66 -12.10
CA SER A 218 -21.98 -26.29 -12.46
C SER A 218 -20.89 -25.28 -12.08
N LEU A 219 -20.83 -24.18 -12.80
CA LEU A 219 -19.88 -23.10 -12.52
C LEU A 219 -20.06 -22.60 -11.08
N SER A 220 -21.29 -22.67 -10.58
CA SER A 220 -21.60 -22.21 -9.23
C SER A 220 -20.91 -23.02 -8.14
N GLN A 221 -20.41 -24.21 -8.45
CA GLN A 221 -19.63 -24.98 -7.47
C GLN A 221 -18.16 -24.58 -7.41
N ILE A 222 -17.74 -23.69 -8.29
CA ILE A 222 -16.37 -23.17 -8.23
C ILE A 222 -16.30 -22.13 -7.12
N ASN A 223 -15.37 -22.33 -6.20
CA ASN A 223 -15.17 -21.42 -5.07
C ASN A 223 -13.69 -21.18 -4.81
N PRO A 224 -13.35 -20.08 -4.11
CA PRO A 224 -12.00 -19.91 -3.58
C PRO A 224 -11.78 -20.98 -2.50
N PRO A 225 -10.55 -21.10 -1.95
CA PRO A 225 -10.27 -22.14 -0.96
C PRO A 225 -11.25 -22.06 0.20
N THR A 226 -11.81 -23.20 0.56
N THR A 226 -11.73 -23.21 0.69
CA THR A 226 -12.84 -23.27 1.58
CA THR A 226 -12.62 -23.21 1.83
C THR A 226 -12.19 -23.76 2.88
C THR A 226 -11.87 -23.02 3.15
N ASP A 227 -10.87 -23.52 2.93
N ASP A 227 -10.80 -23.80 3.34
CA ASP A 227 -9.99 -23.79 4.07
CA ASP A 227 -9.96 -23.72 4.55
C ASP A 227 -8.60 -23.22 3.73
C ASP A 227 -8.53 -23.28 4.22
N GLY A 228 -8.34 -21.97 4.12
CA GLY A 228 -7.07 -21.33 3.72
C GLY A 228 -5.79 -21.74 4.46
N ASP A 229 -5.94 -22.16 5.72
CA ASP A 229 -4.76 -22.56 6.48
C ASP A 229 -3.98 -23.70 5.85
N GLY A 230 -4.70 -24.71 5.38
CA GLY A 230 -4.06 -25.91 4.84
C GLY A 230 -3.86 -25.84 3.34
N PHE A 231 -3.87 -24.63 2.78
CA PHE A 231 -3.90 -24.50 1.34
C PHE A 231 -2.60 -25.00 0.72
N TYR A 232 -1.47 -24.88 1.43
CA TYR A 232 -0.24 -25.50 0.93
C TYR A 232 -0.22 -27.01 1.21
N THR A 233 -0.39 -27.38 2.48
CA THR A 233 -0.24 -28.77 2.91
C THR A 233 -1.26 -29.78 2.34
N ASN A 234 -2.42 -29.29 1.93
CA ASN A 234 -3.48 -30.14 1.36
C ASN A 234 -3.37 -30.34 -0.16
N GLY A 235 -2.27 -29.89 -0.76
CA GLY A 235 -2.10 -29.97 -2.20
C GLY A 235 -2.73 -28.81 -2.97
N GLY A 236 -3.35 -27.87 -2.25
CA GLY A 236 -3.97 -26.70 -2.87
C GLY A 236 -3.00 -25.84 -3.66
N TYR A 237 -1.98 -25.31 -3.00
CA TYR A 237 -1.01 -24.40 -3.63
C TYR A 237 -0.36 -24.97 -4.91
N ASN A 238 0.04 -26.24 -4.83
CA ASN A 238 0.70 -26.92 -5.93
C ASN A 238 -0.23 -27.41 -7.04
N SER A 239 -1.54 -27.40 -6.78
CA SER A 239 -2.51 -27.89 -7.75
C SER A 239 -2.74 -26.89 -8.87
N ALA A 240 -3.19 -27.38 -10.02
CA ALA A 240 -3.61 -26.52 -11.10
C ALA A 240 -4.66 -25.54 -10.59
N TYR A 241 -5.61 -26.04 -9.80
CA TYR A 241 -6.67 -25.18 -9.25
C TYR A 241 -6.08 -24.05 -8.40
N GLY A 242 -5.19 -24.43 -7.48
CA GLY A 242 -4.59 -23.47 -6.55
C GLY A 242 -3.79 -22.39 -7.25
N LYS A 243 -3.05 -22.79 -8.30
CA LYS A 243 -2.30 -21.83 -9.10
C LYS A 243 -3.23 -20.91 -9.87
N ASP A 244 -4.30 -21.46 -10.45
CA ASP A 244 -5.31 -20.63 -11.10
C ASP A 244 -5.95 -19.64 -10.12
N PHE A 245 -6.29 -20.11 -8.92
CA PHE A 245 -6.89 -19.20 -7.95
C PHE A 245 -5.93 -18.06 -7.56
N LEU A 246 -4.69 -18.42 -7.21
CA LEU A 246 -3.72 -17.43 -6.74
C LEU A 246 -3.33 -16.46 -7.84
N SER A 247 -3.18 -16.97 -9.07
CA SER A 247 -2.88 -16.09 -10.21
C SER A 247 -4.03 -15.10 -10.45
N TRP A 248 -5.26 -15.59 -10.40
CA TRP A 248 -6.42 -14.72 -10.58
C TRP A 248 -6.52 -13.69 -9.44
N TYR A 249 -6.31 -14.17 -8.22
CA TYR A 249 -6.40 -13.35 -7.01
C TYR A 249 -5.42 -12.17 -7.15
N GLN A 250 -4.19 -12.46 -7.56
CA GLN A 250 -3.20 -11.41 -7.84
C GLN A 250 -3.60 -10.54 -9.02
N SER A 251 -4.13 -11.14 -10.10
CA SER A 251 -4.52 -10.38 -11.31
C SER A 251 -5.53 -9.25 -11.04
N VAL A 252 -6.43 -9.45 -10.07
CA VAL A 252 -7.37 -8.42 -9.63
C VAL A 252 -6.63 -7.16 -9.13
N LEU A 253 -5.63 -7.34 -8.28
CA LEU A 253 -4.77 -6.23 -7.85
C LEU A 253 -4.01 -5.61 -9.02
N GLU A 254 -3.49 -6.46 -9.90
CA GLU A 254 -2.71 -5.95 -11.03
C GLU A 254 -3.56 -5.09 -11.96
N LYS A 255 -4.78 -5.54 -12.25
CA LYS A 255 -5.68 -4.75 -13.10
C LYS A 255 -6.05 -3.43 -12.40
N HIS A 256 -6.25 -3.50 -11.09
CA HIS A 256 -6.55 -2.31 -10.31
C HIS A 256 -5.39 -1.31 -10.42
N LEU A 257 -4.15 -1.79 -10.29
CA LEU A 257 -2.97 -0.93 -10.42
C LEU A 257 -2.97 -0.24 -11.78
N GLY A 258 -3.27 -1.02 -12.82
CA GLY A 258 -3.37 -0.50 -14.19
C GLY A 258 -4.41 0.62 -14.31
N VAL A 259 -5.58 0.38 -13.72
CA VAL A 259 -6.68 1.33 -13.79
C VAL A 259 -6.33 2.63 -13.06
N ILE A 260 -5.83 2.54 -11.83
CA ILE A 260 -5.55 3.74 -11.03
C ILE A 260 -4.31 4.46 -11.55
N GLY A 261 -3.35 3.69 -12.07
CA GLY A 261 -2.16 4.26 -12.67
C GLY A 261 -2.52 5.09 -13.90
N ALA A 262 -3.40 4.56 -14.74
CA ALA A 262 -3.79 5.23 -15.97
C ALA A 262 -4.58 6.50 -15.65
N ALA A 263 -5.48 6.40 -14.65
CA ALA A 263 -6.21 7.58 -14.21
C ALA A 263 -5.28 8.63 -13.63
N ALA A 264 -4.27 8.22 -12.88
CA ALA A 264 -3.33 9.19 -12.30
C ALA A 264 -2.53 9.87 -13.39
N HIS A 265 -2.03 9.07 -14.32
CA HIS A 265 -1.25 9.62 -15.44
C HIS A 265 -2.08 10.59 -16.24
N LYS A 266 -3.33 10.24 -16.49
CA LYS A 266 -4.19 11.06 -17.31
C LYS A 266 -4.41 12.43 -16.68
N ASN A 267 -4.63 12.44 -15.37
CA ASN A 267 -4.89 13.67 -14.64
C ASN A 267 -3.66 14.46 -14.22
N PHE A 268 -2.52 13.79 -14.06
CA PHE A 268 -1.36 14.44 -13.45
C PHE A 268 -0.24 14.78 -14.42
N ASP A 269 -0.12 14.01 -15.51
CA ASP A 269 1.07 14.14 -16.34
C ASP A 269 1.19 15.49 -17.04
N SER A 270 0.07 16.09 -17.40
CA SER A 270 0.12 17.41 -18.05
C SER A 270 -0.05 18.59 -17.07
N VAL A 271 -0.20 18.29 -15.79
CA VAL A 271 -0.36 19.33 -14.77
C VAL A 271 0.90 19.36 -13.92
N PHE A 272 1.29 18.21 -13.40
CA PHE A 272 2.49 18.09 -12.58
C PHE A 272 3.66 17.51 -13.34
N GLY A 273 3.42 16.44 -14.10
CA GLY A 273 4.49 15.80 -14.87
C GLY A 273 5.59 15.23 -13.98
N VAL A 274 5.19 14.68 -12.83
CA VAL A 274 6.16 14.09 -11.91
C VAL A 274 5.99 12.57 -11.87
N ARG A 275 6.96 11.87 -11.29
CA ARG A 275 6.80 10.42 -11.04
C ARG A 275 5.61 10.14 -10.12
N ILE A 276 4.87 9.07 -10.43
CA ILE A 276 3.75 8.63 -9.62
C ILE A 276 4.14 7.26 -9.07
N GLY A 277 3.84 7.04 -7.79
CA GLY A 277 4.18 5.78 -7.17
C GLY A 277 3.04 5.08 -6.45
N ALA A 278 3.25 3.83 -6.11
CA ALA A 278 2.32 3.09 -5.27
C ALA A 278 3.14 2.12 -4.43
N LYS A 279 2.49 1.50 -3.44
CA LYS A 279 3.20 0.73 -2.42
C LYS A 279 2.81 -0.73 -2.40
N ILE A 280 3.82 -1.59 -2.30
CA ILE A 280 3.61 -3.00 -2.04
C ILE A 280 3.81 -3.23 -0.54
N SER A 281 2.91 -3.98 0.07
CA SER A 281 2.94 -4.30 1.48
C SER A 281 4.13 -5.19 1.81
N GLY A 282 4.68 -5.03 3.02
CA GLY A 282 5.73 -5.92 3.51
C GLY A 282 5.14 -7.00 4.40
N LEU A 283 4.78 -8.13 3.79
CA LEU A 283 4.08 -9.19 4.51
C LEU A 283 5.11 -10.24 4.91
N HIS A 284 5.96 -9.83 5.86
CA HIS A 284 7.23 -10.47 6.17
C HIS A 284 7.12 -11.69 7.09
N TRP A 285 5.94 -11.94 7.63
CA TRP A 285 5.77 -13.06 8.58
C TRP A 285 5.14 -14.28 7.91
N GLN A 286 5.39 -15.47 8.49
CA GLN A 286 5.05 -16.75 7.85
C GLN A 286 5.74 -16.99 6.51
N MET A 287 6.85 -16.29 6.26
CA MET A 287 7.58 -16.50 5.03
C MET A 287 8.12 -17.92 4.94
N ASN A 288 8.77 -18.39 6.01
CA ASN A 288 9.40 -19.71 5.98
C ASN A 288 8.73 -20.75 6.89
N ASN A 289 7.46 -20.55 7.20
CA ASN A 289 6.67 -21.54 7.93
C ASN A 289 6.60 -22.83 7.09
N PRO A 290 7.06 -23.96 7.65
CA PRO A 290 7.06 -25.19 6.85
C PRO A 290 5.66 -25.61 6.35
N ALA A 291 4.63 -25.36 7.16
CA ALA A 291 3.26 -25.80 6.87
C ALA A 291 2.48 -24.80 5.99
N MET A 292 2.85 -23.54 6.02
CA MET A 292 2.18 -22.53 5.19
CA MET A 292 2.19 -22.57 5.13
C MET A 292 3.18 -21.50 4.63
N PRO A 293 4.17 -21.96 3.85
CA PRO A 293 5.22 -21.05 3.39
C PRO A 293 4.62 -19.89 2.57
N HIS A 294 5.03 -18.67 2.92
CA HIS A 294 4.54 -17.45 2.26
C HIS A 294 3.02 -17.27 2.38
N GLY A 295 2.43 -17.83 3.44
CA GLY A 295 0.99 -17.80 3.63
C GLY A 295 0.43 -16.40 3.77
N THR A 296 1.20 -15.52 4.43
CA THR A 296 0.75 -14.13 4.65
C THR A 296 0.72 -13.32 3.35
N GLU A 297 1.83 -13.40 2.62
CA GLU A 297 1.96 -12.79 1.31
C GLU A 297 0.85 -13.25 0.36
N GLN A 298 0.59 -14.55 0.33
CA GLN A 298 -0.43 -15.10 -0.56
C GLN A 298 -1.84 -14.58 -0.23
N ALA A 299 -2.18 -14.55 1.07
CA ALA A 299 -3.50 -14.03 1.47
C ALA A 299 -3.65 -12.56 1.10
N GLY A 300 -2.55 -11.82 1.18
CA GLY A 300 -2.55 -10.41 0.79
C GLY A 300 -2.64 -10.19 -0.70
N GLY A 301 -2.41 -11.25 -1.48
CA GLY A 301 -2.57 -11.18 -2.93
C GLY A 301 -1.29 -11.39 -3.69
N TYR A 302 -0.21 -11.78 -3.01
CA TYR A 302 1.11 -11.86 -3.66
C TYR A 302 1.49 -13.28 -3.98
N TYR A 303 1.34 -13.62 -5.26
CA TYR A 303 1.65 -14.94 -5.77
C TYR A 303 2.98 -14.95 -6.53
N ASP A 304 3.29 -13.85 -7.20
CA ASP A 304 4.42 -13.81 -8.12
C ASP A 304 4.94 -12.36 -8.14
N TYR A 305 6.02 -12.11 -7.40
CA TYR A 305 6.56 -10.76 -7.32
C TYR A 305 7.14 -10.30 -8.67
N ASN A 306 7.68 -11.22 -9.45
CA ASN A 306 8.21 -10.82 -10.76
C ASN A 306 7.08 -10.20 -11.59
N ARG A 307 5.93 -10.88 -11.60
CA ARG A 307 4.81 -10.41 -12.40
C ARG A 307 4.21 -9.14 -11.82
N LEU A 308 4.11 -9.07 -10.50
CA LEU A 308 3.51 -7.90 -9.85
C LEU A 308 4.36 -6.66 -10.15
N ILE A 309 5.67 -6.81 -10.04
CA ILE A 309 6.58 -5.67 -10.21
C ILE A 309 6.64 -5.29 -11.68
N GLN A 310 6.53 -6.28 -12.57
CA GLN A 310 6.34 -6.00 -14.00
C GLN A 310 5.15 -5.07 -14.29
N LYS A 311 4.06 -5.24 -13.53
CA LYS A 311 2.89 -4.39 -13.70
CA LYS A 311 2.87 -4.39 -13.67
C LYS A 311 3.18 -2.94 -13.31
N PHE A 312 4.02 -2.74 -12.27
CA PHE A 312 4.49 -1.39 -11.94
C PHE A 312 5.22 -0.76 -13.13
N LYS A 313 6.12 -1.52 -13.74
CA LYS A 313 6.87 -1.05 -14.90
C LYS A 313 5.92 -0.71 -16.03
N ASP A 314 4.98 -1.63 -16.32
CA ASP A 314 4.01 -1.42 -17.42
C ASP A 314 3.14 -0.20 -17.16
N ALA A 315 2.74 0.02 -15.91
CA ALA A 315 1.88 1.17 -15.57
C ALA A 315 2.69 2.47 -15.42
N ASP A 316 4.01 2.35 -15.54
CA ASP A 316 4.91 3.50 -15.36
C ASP A 316 4.66 4.15 -14.01
N LEU A 317 4.75 3.32 -12.96
CA LEU A 317 4.67 3.71 -11.56
C LEU A 317 5.93 3.30 -10.83
N ASP A 318 6.39 4.18 -9.93
CA ASP A 318 7.53 3.84 -9.08
C ASP A 318 7.05 2.98 -7.94
N LEU A 319 7.96 2.19 -7.37
CA LEU A 319 7.59 1.23 -6.32
C LEU A 319 8.13 1.68 -4.97
N THR A 320 7.23 1.78 -3.99
CA THR A 320 7.62 2.01 -2.61
C THR A 320 7.53 0.67 -1.89
N PHE A 321 8.61 0.30 -1.22
CA PHE A 321 8.57 -0.87 -0.37
C PHE A 321 8.91 -0.47 1.06
N THR A 322 8.67 -1.38 1.99
CA THR A 322 8.72 -1.08 3.42
C THR A 322 9.50 -2.17 4.16
N CYS A 323 9.56 -2.06 5.48
CA CYS A 323 10.35 -2.96 6.34
C CYS A 323 11.86 -2.82 6.20
N LEU A 324 12.31 -1.73 5.58
CA LEU A 324 13.74 -1.49 5.39
C LEU A 324 14.57 -1.47 6.69
N GLU A 325 13.90 -1.20 7.81
CA GLU A 325 14.59 -1.10 9.10
C GLU A 325 14.75 -2.42 9.84
N MET A 326 14.08 -3.47 9.36
CA MET A 326 13.97 -4.74 10.09
CA MET A 326 13.99 -4.72 10.11
C MET A 326 15.02 -5.77 9.71
N SER A 327 15.37 -6.64 10.64
N SER A 327 15.36 -6.64 10.65
CA SER A 327 16.34 -7.69 10.37
CA SER A 327 16.33 -7.71 10.42
C SER A 327 15.65 -9.04 10.28
C SER A 327 15.62 -9.05 10.25
N ASP A 328 16.29 -9.98 9.59
CA ASP A 328 15.79 -11.36 9.46
C ASP A 328 15.79 -12.08 10.79
N SER A 329 14.75 -12.85 11.03
CA SER A 329 14.73 -13.73 12.18
C SER A 329 14.50 -15.16 11.70
N GLY A 330 13.32 -15.42 11.14
CA GLY A 330 13.04 -16.74 10.57
C GLY A 330 12.67 -17.82 11.59
N THR A 331 12.74 -17.47 12.88
CA THR A 331 12.41 -18.40 13.97
C THR A 331 10.89 -18.56 14.09
N ALA A 332 10.47 -19.76 14.49
CA ALA A 332 9.09 -20.00 14.89
C ALA A 332 8.80 -19.18 16.15
N PRO A 333 7.55 -18.73 16.34
CA PRO A 333 6.40 -18.96 15.46
C PRO A 333 6.14 -17.86 14.42
N ASN A 334 6.96 -16.81 14.37
CA ASN A 334 6.68 -15.67 13.48
C ASN A 334 7.09 -15.90 12.04
N TYR A 335 8.13 -16.73 11.88
CA TYR A 335 8.71 -17.07 10.59
C TYR A 335 8.91 -15.82 9.75
N SER A 336 9.60 -14.85 10.33
CA SER A 336 9.67 -13.49 9.78
C SER A 336 11.05 -13.20 9.19
N LEU A 337 11.08 -12.89 7.89
CA LEU A 337 12.33 -12.62 7.21
C LEU A 337 12.26 -11.32 6.39
N PRO A 338 12.00 -10.19 7.07
CA PRO A 338 11.78 -8.92 6.35
C PRO A 338 12.99 -8.43 5.59
N SER A 339 14.20 -8.71 6.08
CA SER A 339 15.39 -8.22 5.39
C SER A 339 15.60 -8.96 4.06
N THR A 340 15.41 -10.29 4.08
CA THR A 340 15.36 -11.09 2.85
C THR A 340 14.25 -10.63 1.90
N LEU A 341 13.08 -10.31 2.45
CA LEU A 341 11.95 -9.84 1.63
C LEU A 341 12.31 -8.53 0.91
N VAL A 342 12.89 -7.59 1.65
CA VAL A 342 13.37 -6.34 1.05
C VAL A 342 14.37 -6.64 -0.08
N ASP A 343 15.33 -7.54 0.18
CA ASP A 343 16.31 -7.91 -0.86
C ASP A 343 15.62 -8.48 -2.09
N THR A 344 14.67 -9.40 -1.87
CA THR A 344 13.92 -10.03 -2.96
C THR A 344 13.21 -9.00 -3.83
N VAL A 345 12.36 -8.17 -3.21
CA VAL A 345 11.56 -7.19 -3.93
C VAL A 345 12.47 -6.18 -4.61
N SER A 346 13.45 -5.70 -3.86
CA SER A 346 14.40 -4.70 -4.38
C SER A 346 15.21 -5.21 -5.58
N SER A 347 15.72 -6.43 -5.49
CA SER A 347 16.48 -7.05 -6.60
C SER A 347 15.64 -7.19 -7.86
N ILE A 348 14.39 -7.62 -7.70
CA ILE A 348 13.49 -7.74 -8.84
C ILE A 348 13.21 -6.38 -9.47
N ALA A 349 12.83 -5.40 -8.64
CA ALA A 349 12.62 -4.04 -9.15
C ALA A 349 13.84 -3.51 -9.91
N ASN A 350 15.04 -3.66 -9.35
CA ASN A 350 16.25 -3.18 -10.05
C ASN A 350 16.52 -3.91 -11.35
N ALA A 351 16.32 -5.23 -11.34
CA ALA A 351 16.47 -6.06 -12.54
C ALA A 351 15.57 -5.55 -13.67
N LYS A 352 14.41 -5.01 -13.31
CA LYS A 352 13.42 -4.52 -14.26
C LYS A 352 13.51 -3.01 -14.53
N GLY A 353 14.38 -2.32 -13.81
CA GLY A 353 14.45 -0.88 -13.98
C GLY A 353 13.23 -0.17 -13.41
N VAL A 354 12.62 -0.74 -12.37
CA VAL A 354 11.57 -0.05 -11.62
C VAL A 354 12.22 0.77 -10.50
N ARG A 355 11.97 2.08 -10.49
CA ARG A 355 12.54 2.96 -9.46
C ARG A 355 12.01 2.59 -8.08
N LEU A 356 12.93 2.43 -7.13
CA LEU A 356 12.59 2.10 -5.74
C LEU A 356 12.60 3.29 -4.79
N ASN A 357 11.56 3.33 -3.96
CA ASN A 357 11.50 4.23 -2.79
C ASN A 357 11.22 3.37 -1.55
N GLY A 358 11.70 3.81 -0.40
CA GLY A 358 11.67 2.99 0.80
C GLY A 358 11.03 3.67 2.01
N GLU A 359 10.59 2.84 2.96
CA GLU A 359 10.00 3.33 4.21
C GLU A 359 10.37 2.35 5.29
N ASN A 360 10.36 2.80 6.54
CA ASN A 360 10.37 1.87 7.68
C ASN A 360 8.93 1.41 7.95
N ALA A 361 8.76 0.17 8.40
CA ALA A 361 7.42 -0.35 8.68
C ALA A 361 6.90 0.24 9.98
N LEU A 362 7.80 0.31 10.96
CA LEU A 362 7.42 0.74 12.31
C LEU A 362 8.41 1.81 12.77
N PRO A 363 8.03 2.64 13.76
CA PRO A 363 8.98 3.63 14.26
C PRO A 363 10.28 2.97 14.65
N THR A 364 11.39 3.65 14.42
CA THR A 364 12.68 3.03 14.56
C THR A 364 13.69 4.05 15.04
N GLY A 365 14.93 3.60 15.21
CA GLY A 365 16.03 4.46 15.61
C GLY A 365 17.23 3.57 15.75
N GLY A 366 18.34 4.12 16.24
CA GLY A 366 19.55 3.34 16.44
C GLY A 366 19.93 2.45 15.26
N SER A 367 20.00 1.16 15.53
CA SER A 367 20.36 0.13 14.54
C SER A 367 19.43 0.13 13.32
N GLY A 368 18.19 0.54 13.52
CA GLY A 368 17.22 0.67 12.43
C GLY A 368 17.71 1.52 11.28
N PHE A 369 18.39 2.64 11.61
CA PHE A 369 18.94 3.52 10.60
C PHE A 369 20.06 2.86 9.79
N GLN A 370 20.86 2.02 10.45
CA GLN A 370 21.96 1.32 9.79
C GLN A 370 21.41 0.25 8.85
N LYS A 371 20.33 -0.42 9.26
CA LYS A 371 19.66 -1.35 8.35
C LYS A 371 19.08 -0.65 7.13
N ILE A 372 18.43 0.50 7.36
CA ILE A 372 17.88 1.28 6.24
C ILE A 372 19.02 1.70 5.32
N GLU A 373 20.11 2.18 5.91
CA GLU A 373 21.28 2.59 5.14
C GLU A 373 21.79 1.47 4.23
N GLU A 374 21.88 0.26 4.78
CA GLU A 374 22.31 -0.91 4.00
C GLU A 374 21.41 -1.13 2.77
N LYS A 375 20.10 -1.07 2.98
CA LYS A 375 19.15 -1.32 1.91
C LYS A 375 19.20 -0.27 0.82
N ILE A 376 19.13 1.01 1.21
CA ILE A 376 19.09 2.08 0.20
C ILE A 376 20.37 2.14 -0.65
N THR A 377 21.51 1.77 -0.06
CA THR A 377 22.79 1.80 -0.77
C THR A 377 23.05 0.53 -1.61
N LYS A 378 22.59 -0.63 -1.13
CA LYS A 378 22.69 -1.88 -1.89
C LYS A 378 21.86 -1.82 -3.16
N PHE A 379 20.71 -1.14 -3.09
CA PHE A 379 19.73 -1.24 -4.17
C PHE A 379 19.44 0.05 -4.92
N GLY A 380 20.24 1.09 -4.69
CA GLY A 380 20.10 2.31 -5.50
C GLY A 380 18.72 2.96 -5.34
N TYR A 381 18.22 3.01 -4.10
CA TYR A 381 16.95 3.68 -3.81
C TYR A 381 16.97 5.16 -4.22
N HIS A 382 15.83 5.64 -4.70
CA HIS A 382 15.68 7.03 -5.13
C HIS A 382 15.10 7.89 -4.00
N GLY A 383 14.63 7.25 -2.95
CA GLY A 383 14.05 7.99 -1.85
C GLY A 383 13.84 7.09 -0.67
N PHE A 384 13.80 7.72 0.49
CA PHE A 384 13.39 7.05 1.70
C PHE A 384 12.50 8.00 2.47
N THR A 385 11.36 7.49 2.93
CA THR A 385 10.46 8.24 3.80
C THR A 385 10.43 7.65 5.22
N LEU A 386 10.75 8.47 6.22
CA LEU A 386 10.70 8.02 7.60
C LEU A 386 9.33 8.21 8.25
N LEU A 387 8.76 7.11 8.77
CA LEU A 387 7.54 7.18 9.57
C LEU A 387 7.92 7.27 11.04
N ARG A 388 7.51 8.30 11.79
CA ARG A 388 6.83 9.54 11.33
C ARG A 388 7.50 10.75 11.96
N ILE A 389 6.97 11.92 11.63
CA ILE A 389 7.55 13.18 12.06
C ILE A 389 7.79 13.25 13.59
N ASN A 390 6.83 12.81 14.41
CA ASN A 390 6.99 12.92 15.87
C ASN A 390 8.08 11.98 16.43
N ASN A 391 8.52 11.02 15.62
CA ASN A 391 9.65 10.18 16.01
C ASN A 391 10.99 10.89 15.80
N LEU A 392 10.97 12.03 15.10
CA LEU A 392 12.17 12.85 14.82
C LEU A 392 12.16 14.19 15.52
N VAL A 393 10.97 14.76 15.71
CA VAL A 393 10.82 16.09 16.32
CA VAL A 393 10.81 16.09 16.29
CA VAL A 393 10.84 16.07 16.33
C VAL A 393 9.57 16.14 17.18
N ASN A 394 9.73 16.62 18.41
CA ASN A 394 8.62 16.78 19.33
C ASN A 394 7.70 17.91 18.88
N ASN A 395 6.54 18.02 19.52
CA ASN A 395 5.56 19.06 19.21
C ASN A 395 6.09 20.48 19.31
N ASP A 396 7.02 20.71 20.23
CA ASP A 396 7.59 22.05 20.40
C ASP A 396 8.68 22.35 19.35
N GLY A 397 8.93 21.39 18.46
CA GLY A 397 9.97 21.54 17.46
C GLY A 397 11.36 21.03 17.85
N SER A 398 11.53 20.60 19.09
CA SER A 398 12.82 20.04 19.50
C SER A 398 13.01 18.63 18.95
N PRO A 399 14.22 18.34 18.43
CA PRO A 399 14.62 16.99 18.00
C PRO A 399 14.44 15.94 19.07
N THR A 400 14.05 14.74 18.68
CA THR A 400 14.16 13.59 19.56
C THR A 400 15.62 13.16 19.49
N GLY A 401 15.97 12.16 20.28
CA GLY A 401 17.30 11.56 20.23
C GLY A 401 17.64 10.86 18.93
N GLU A 402 16.64 10.64 18.06
CA GLU A 402 16.86 9.88 16.82
C GLU A 402 17.17 10.74 15.60
N LEU A 403 16.92 12.05 15.69
CA LEU A 403 17.13 12.90 14.53
C LEU A 403 18.57 12.87 14.06
N SER A 404 19.50 12.86 15.01
CA SER A 404 20.92 12.86 14.69
C SER A 404 21.31 11.65 13.83
N GLY A 405 20.95 10.44 14.28
CA GLY A 405 21.17 9.20 13.50
C GLY A 405 20.47 9.21 12.13
N PHE A 406 19.21 9.67 12.09
CA PHE A 406 18.51 9.76 10.82
C PHE A 406 19.32 10.66 9.87
N LYS A 407 19.78 11.80 10.38
CA LYS A 407 20.59 12.70 9.58
C LYS A 407 21.91 12.07 9.14
N GLN A 408 22.61 11.42 10.06
CA GLN A 408 23.94 10.86 9.76
C GLN A 408 23.89 9.69 8.78
N TYR A 409 22.88 8.85 8.91
CA TYR A 409 22.81 7.64 8.10
C TYR A 409 22.08 7.83 6.78
N ILE A 410 21.03 8.64 6.82
CA ILE A 410 20.09 8.71 5.69
C ILE A 410 20.09 10.05 4.97
N ILE A 411 19.84 11.13 5.70
CA ILE A 411 19.77 12.45 5.05
C ILE A 411 21.09 12.77 4.36
N SER A 412 22.20 12.35 4.98
CA SER A 412 23.56 12.61 4.45
C SER A 412 23.82 11.98 3.07
N LYS A 413 22.98 11.04 2.65
CA LYS A 413 23.11 10.41 1.33
C LYS A 413 22.60 11.30 0.20
N ALA A 414 21.81 12.31 0.54
CA ALA A 414 21.17 13.16 -0.46
C ALA A 414 22.08 14.31 -0.85
N LYS A 415 22.08 14.66 -2.13
CA LYS A 415 22.72 15.90 -2.60
C LYS A 415 21.76 17.04 -2.33
N PRO A 416 22.23 18.09 -1.63
CA PRO A 416 21.38 19.25 -1.34
C PRO A 416 21.19 20.15 -2.58
#